data_1S4M
#
_entry.id   1S4M
#
_cell.length_a   66.093
_cell.length_b   82.163
_cell.length_c   66.754
_cell.angle_alpha   90.00
_cell.angle_beta   116.57
_cell.angle_gamma   90.00
#
_symmetry.space_group_name_H-M   'P 1 21 1'
#
loop_
_entity.id
_entity.type
_entity.pdbx_description
1 polymer 'riboflavin kinase/FMN adenylyltransferase'
2 non-polymer 'MAGNESIUM ION'
3 non-polymer LUMICHROME
4 water water
#
_entity_poly.entity_id   1
_entity_poly.type   'polypeptide(L)'
_entity_poly.pdbx_seq_one_letter_code
;MVVSIGVFDGVHIGHQKVLRTMKEIAFFRKDDSLIYTISYPPEYFLPDFPGLLMTVESRVEMLSRYARTVVLDFFRIKDL
TPEGFVERYLSGVSAVVVGRDFRFGKNASGNASFLRKKGVEVYEIEDVVVQGKRVSSSLIRNLVQEGRVEEIPAYLGRYF
EIEGIVHKDREFGRKLGFPTANIDRGNEKLVDLKRGVYLVRVHLPDGKKKFGVMNVGFRPTVGDARNVKYEVYILDFEGD
LYGQRLKLEVLKFMRDEKKFDSIEELKAAIDQDVKSARNMIDDIINSKFEKEG
;
_entity_poly.pdbx_strand_id   A,B
#
loop_
_chem_comp.id
_chem_comp.type
_chem_comp.name
_chem_comp.formula
LUM non-polymer LUMICHROME 'C12 H10 N4 O2'
MG non-polymer 'MAGNESIUM ION' 'Mg 2'
#
# COMPACT_ATOMS: atom_id res chain seq x y z
N MET A 1 -20.14 31.28 8.14
CA MET A 1 -18.90 30.98 8.90
C MET A 1 -17.79 30.66 7.91
N VAL A 2 -16.52 30.88 8.30
CA VAL A 2 -15.53 30.45 7.35
C VAL A 2 -15.35 29.02 7.87
N VAL A 3 -15.54 28.02 7.03
CA VAL A 3 -15.45 26.63 7.50
C VAL A 3 -14.35 25.87 6.79
N SER A 4 -13.43 25.28 7.52
CA SER A 4 -12.44 24.43 6.88
C SER A 4 -13.09 23.03 6.74
N ILE A 5 -12.94 22.39 5.60
CA ILE A 5 -13.47 21.04 5.45
C ILE A 5 -12.38 20.08 4.95
N GLY A 6 -12.26 18.93 5.60
CA GLY A 6 -11.31 17.94 5.14
C GLY A 6 -11.26 16.80 6.13
N VAL A 7 -10.39 15.83 5.86
CA VAL A 7 -10.21 14.74 6.81
C VAL A 7 -9.21 15.16 7.91
N PHE A 8 -8.06 15.69 7.49
CA PHE A 8 -7.00 16.13 8.41
C PHE A 8 -6.44 15.01 9.28
N ASP A 9 -6.37 13.79 8.73
CA ASP A 9 -5.80 12.67 9.50
C ASP A 9 -4.32 12.98 9.77
N GLY A 10 -3.98 13.11 11.03
CA GLY A 10 -2.59 13.41 11.40
C GLY A 10 -2.32 14.90 11.65
N VAL A 11 -3.17 15.77 11.10
CA VAL A 11 -3.03 17.21 11.16
C VAL A 11 -1.56 17.56 10.83
N HIS A 12 -1.13 17.13 9.64
CA HIS A 12 0.25 17.35 9.22
C HIS A 12 0.46 18.81 8.78
N ILE A 13 1.66 19.13 8.28
CA ILE A 13 1.90 20.52 7.96
C ILE A 13 1.03 21.04 6.87
N GLY A 14 0.59 20.21 5.95
CA GLY A 14 -0.30 20.69 4.91
C GLY A 14 -1.65 21.09 5.53
N HIS A 15 -2.14 20.29 6.48
CA HIS A 15 -3.40 20.58 7.17
C HIS A 15 -3.25 21.86 8.00
N GLN A 16 -2.08 22.00 8.62
CA GLN A 16 -1.87 23.15 9.45
C GLN A 16 -1.96 24.36 8.55
N LYS A 17 -1.53 24.24 7.31
CA LYS A 17 -1.58 25.35 6.36
C LYS A 17 -3.04 25.75 6.08
N VAL A 18 -3.87 24.75 5.87
CA VAL A 18 -5.29 24.99 5.65
C VAL A 18 -5.92 25.74 6.85
N LEU A 19 -5.65 25.23 8.04
CA LEU A 19 -6.22 25.77 9.26
C LEU A 19 -5.74 27.18 9.56
N ARG A 20 -4.45 27.43 9.42
CA ARG A 20 -3.93 28.77 9.66
C ARG A 20 -4.55 29.73 8.64
N THR A 21 -4.64 29.32 7.39
CA THR A 21 -5.22 30.16 6.38
C THR A 21 -6.70 30.47 6.71
N MET A 22 -7.45 29.47 7.18
CA MET A 22 -8.85 29.65 7.58
C MET A 22 -8.97 30.71 8.66
N LYS A 23 -8.10 30.65 9.65
CA LYS A 23 -8.13 31.62 10.74
C LYS A 23 -7.88 33.06 10.26
N GLU A 24 -6.97 33.21 9.31
CA GLU A 24 -6.66 34.52 8.76
C GLU A 24 -7.84 34.99 7.95
N ILE A 25 -8.40 34.09 7.15
CA ILE A 25 -9.52 34.47 6.34
C ILE A 25 -10.66 34.89 7.27
N ALA A 26 -10.87 34.13 8.34
CA ALA A 26 -11.95 34.45 9.29
C ALA A 26 -11.73 35.83 9.88
N PHE A 27 -10.46 36.14 10.18
CA PHE A 27 -10.11 37.41 10.78
C PHE A 27 -10.42 38.57 9.85
N PHE A 28 -10.01 38.49 8.58
CA PHE A 28 -10.29 39.63 7.72
C PHE A 28 -11.71 39.73 7.22
N ARG A 29 -12.40 38.60 7.18
CA ARG A 29 -13.79 38.59 6.74
C ARG A 29 -14.61 38.89 7.98
N LYS A 30 -13.96 38.88 9.13
CA LYS A 30 -14.64 39.10 10.39
C LYS A 30 -15.76 38.08 10.64
N ASP A 31 -15.55 36.82 10.21
CA ASP A 31 -16.49 35.72 10.36
C ASP A 31 -15.96 34.83 11.49
N ASP A 32 -16.73 33.84 11.92
CA ASP A 32 -16.24 32.95 12.96
C ASP A 32 -15.49 31.84 12.23
N SER A 33 -14.79 31.00 12.99
CA SER A 33 -14.06 29.88 12.43
C SER A 33 -14.65 28.54 12.88
N LEU A 34 -14.69 27.60 11.94
CA LEU A 34 -15.20 26.27 12.20
C LEU A 34 -14.47 25.22 11.37
N ILE A 35 -14.04 24.14 12.00
CA ILE A 35 -13.41 23.08 11.25
C ILE A 35 -14.37 21.88 11.16
N TYR A 36 -14.63 21.41 9.96
CA TYR A 36 -15.43 20.21 9.76
C TYR A 36 -14.42 19.12 9.43
N THR A 37 -14.31 18.14 10.32
CA THR A 37 -13.44 17.01 10.05
C THR A 37 -14.29 15.76 9.75
N ILE A 38 -14.14 15.25 8.54
CA ILE A 38 -14.84 14.07 8.10
C ILE A 38 -14.18 12.90 8.86
N SER A 39 -15.03 12.12 9.54
CA SER A 39 -14.54 11.03 10.35
C SER A 39 -13.56 10.12 9.60
N TYR A 40 -13.96 9.63 8.43
CA TYR A 40 -13.08 8.75 7.66
C TYR A 40 -13.04 9.05 6.18
N PRO A 41 -11.87 8.88 5.56
CA PRO A 41 -11.84 9.13 4.11
C PRO A 41 -12.48 7.86 3.49
N PRO A 42 -12.96 7.94 2.24
CA PRO A 42 -13.59 6.79 1.57
C PRO A 42 -12.63 5.61 1.45
N GLU A 43 -11.35 5.92 1.24
CA GLU A 43 -10.33 4.86 1.10
C GLU A 43 -10.27 3.99 2.34
N TYR A 44 -10.60 4.58 3.49
CA TYR A 44 -10.60 3.87 4.74
C TYR A 44 -11.37 2.54 4.70
N PHE A 45 -12.44 2.47 3.93
CA PHE A 45 -13.20 1.24 3.89
C PHE A 45 -12.70 0.22 2.84
N LEU A 46 -11.78 0.63 1.99
CA LEU A 46 -11.24 -0.29 0.99
C LEU A 46 -10.21 -1.20 1.70
N PRO A 47 -10.06 -2.46 1.21
CA PRO A 47 -9.14 -3.49 1.74
C PRO A 47 -7.65 -3.17 2.00
N ASP A 48 -7.05 -2.35 1.16
CA ASP A 48 -5.64 -2.03 1.31
C ASP A 48 -5.34 -0.75 2.08
N PHE A 49 -6.33 -0.12 2.68
CA PHE A 49 -6.07 1.11 3.39
C PHE A 49 -5.05 0.83 4.48
N PRO A 50 -3.96 1.59 4.52
CA PRO A 50 -2.87 1.45 5.52
C PRO A 50 -3.38 1.68 6.95
N GLY A 51 -4.40 2.52 7.08
CA GLY A 51 -4.94 2.84 8.39
C GLY A 51 -4.69 4.32 8.66
N LEU A 52 -5.45 4.89 9.59
CA LEU A 52 -5.32 6.31 9.96
C LEU A 52 -4.03 6.49 10.79
N LEU A 53 -3.50 7.71 10.76
CA LEU A 53 -2.32 8.01 11.55
C LEU A 53 -2.68 8.10 13.05
N MET A 54 -3.96 8.32 13.35
CA MET A 54 -4.39 8.49 14.73
C MET A 54 -5.91 8.32 14.82
N THR A 55 -6.42 8.16 16.03
CA THR A 55 -7.84 8.02 16.19
C THR A 55 -8.50 9.37 15.90
N VAL A 56 -9.79 9.32 15.59
CA VAL A 56 -10.59 10.50 15.32
C VAL A 56 -10.56 11.42 16.56
N GLU A 57 -10.62 10.80 17.73
CA GLU A 57 -10.59 11.51 19.01
C GLU A 57 -9.26 12.24 19.15
N SER A 58 -8.14 11.56 18.90
CA SER A 58 -6.86 12.27 19.03
C SER A 58 -6.83 13.43 18.04
N ARG A 59 -7.37 13.18 16.85
CA ARG A 59 -7.41 14.16 15.78
C ARG A 59 -8.22 15.43 16.15
N VAL A 60 -9.42 15.22 16.69
CA VAL A 60 -10.29 16.30 17.06
C VAL A 60 -9.60 17.11 18.13
N GLU A 61 -8.99 16.44 19.09
CA GLU A 61 -8.28 17.14 20.16
C GLU A 61 -7.23 18.07 19.56
N MET A 62 -6.52 17.63 18.52
CA MET A 62 -5.52 18.49 17.90
C MET A 62 -6.16 19.60 17.09
N LEU A 63 -7.19 19.27 16.32
CA LEU A 63 -7.87 20.27 15.51
C LEU A 63 -8.43 21.39 16.40
N SER A 64 -8.90 20.99 17.57
CA SER A 64 -9.52 21.89 18.53
C SER A 64 -8.58 22.98 19.03
N ARG A 65 -7.28 22.77 18.87
CA ARG A 65 -6.33 23.80 19.30
C ARG A 65 -6.34 24.96 18.32
N TYR A 66 -6.91 24.75 17.14
CA TYR A 66 -7.01 25.75 16.08
C TYR A 66 -8.37 26.47 16.05
N ALA A 67 -9.44 25.69 16.21
CA ALA A 67 -10.77 26.26 16.18
C ALA A 67 -11.83 25.23 16.58
N ARG A 68 -13.04 25.71 16.81
CA ARG A 68 -14.15 24.84 17.13
C ARG A 68 -14.17 23.71 16.06
N THR A 69 -14.25 22.48 16.51
CA THR A 69 -14.19 21.34 15.60
C THR A 69 -15.42 20.45 15.66
N VAL A 70 -15.99 20.22 14.49
CA VAL A 70 -17.17 19.39 14.35
C VAL A 70 -16.87 18.20 13.44
N VAL A 71 -17.18 17.02 13.93
CA VAL A 71 -16.96 15.81 13.14
C VAL A 71 -18.11 15.59 12.16
N LEU A 72 -17.80 15.33 10.90
CA LEU A 72 -18.83 15.04 9.93
C LEU A 72 -18.75 13.52 9.89
N ASP A 73 -19.88 12.88 10.18
CA ASP A 73 -19.97 11.42 10.21
C ASP A 73 -20.00 10.87 8.80
N PHE A 74 -18.93 10.19 8.41
CA PHE A 74 -18.88 9.61 7.08
C PHE A 74 -20.21 8.92 6.69
N PHE A 75 -20.75 8.10 7.59
CA PHE A 75 -22.01 7.37 7.29
C PHE A 75 -23.22 8.28 7.09
N ARG A 76 -23.17 9.43 7.72
CA ARG A 76 -24.22 10.43 7.63
C ARG A 76 -24.12 11.34 6.39
N ILE A 77 -22.95 11.46 5.76
CA ILE A 77 -22.84 12.36 4.60
C ILE A 77 -22.53 11.66 3.28
N LYS A 78 -22.08 10.40 3.30
CA LYS A 78 -21.74 9.71 2.04
C LYS A 78 -22.88 9.64 1.02
N ASP A 79 -24.10 9.52 1.49
CA ASP A 79 -25.20 9.42 0.55
C ASP A 79 -25.82 10.72 0.08
N LEU A 80 -25.59 11.80 0.81
CA LEU A 80 -26.13 13.10 0.44
C LEU A 80 -25.79 13.57 -0.98
N THR A 81 -26.70 14.33 -1.59
CA THR A 81 -26.40 14.92 -2.88
C THR A 81 -25.61 16.20 -2.54
N PRO A 82 -24.91 16.80 -3.49
CA PRO A 82 -24.14 18.02 -3.22
C PRO A 82 -25.03 19.07 -2.60
N GLU A 83 -26.26 19.11 -3.10
CA GLU A 83 -27.29 20.04 -2.65
C GLU A 83 -27.63 19.82 -1.20
N GLY A 84 -27.89 18.58 -0.83
CA GLY A 84 -28.22 18.28 0.54
C GLY A 84 -27.06 18.52 1.49
N PHE A 85 -25.82 18.33 1.01
CA PHE A 85 -24.66 18.57 1.90
C PHE A 85 -24.65 20.07 2.24
N VAL A 86 -24.76 20.90 1.22
CA VAL A 86 -24.74 22.37 1.46
C VAL A 86 -25.89 22.82 2.35
N GLU A 87 -27.08 22.36 2.02
CA GLU A 87 -28.28 22.70 2.78
C GLU A 87 -28.11 22.28 4.24
N ARG A 88 -27.62 21.07 4.48
CA ARG A 88 -27.48 20.64 5.86
C ARG A 88 -26.26 21.11 6.61
N TYR A 89 -25.14 21.31 5.93
CA TYR A 89 -23.94 21.66 6.68
C TYR A 89 -23.35 23.04 6.47
N LEU A 90 -23.76 23.71 5.41
CA LEU A 90 -23.25 25.02 5.04
C LEU A 90 -24.31 26.13 4.95
N SER A 91 -25.39 26.03 5.74
CA SER A 91 -26.43 27.08 5.73
C SER A 91 -25.88 28.28 6.43
N GLY A 92 -25.92 29.43 5.76
CA GLY A 92 -25.37 30.62 6.39
C GLY A 92 -23.85 30.63 6.35
N VAL A 93 -23.24 29.79 5.52
CA VAL A 93 -21.77 29.80 5.44
C VAL A 93 -21.39 30.50 4.15
N SER A 94 -20.58 31.52 4.24
CA SER A 94 -20.26 32.23 3.02
C SER A 94 -18.92 31.86 2.39
N ALA A 95 -18.07 31.21 3.17
CA ALA A 95 -16.74 30.81 2.69
C ALA A 95 -16.27 29.46 3.28
N VAL A 96 -15.65 28.63 2.46
CA VAL A 96 -15.06 27.39 2.96
C VAL A 96 -13.61 27.32 2.49
N VAL A 97 -12.80 26.70 3.33
CA VAL A 97 -11.39 26.54 3.07
C VAL A 97 -11.17 25.01 2.96
N VAL A 98 -10.70 24.56 1.80
CA VAL A 98 -10.45 23.13 1.56
C VAL A 98 -9.20 22.97 0.70
N GLY A 99 -8.65 21.75 0.68
CA GLY A 99 -7.49 21.50 -0.17
C GLY A 99 -7.97 21.36 -1.61
N ARG A 100 -7.03 21.24 -2.53
CA ARG A 100 -7.34 21.06 -3.95
C ARG A 100 -8.03 19.72 -4.21
N ASP A 101 -8.86 19.64 -5.24
CA ASP A 101 -9.55 18.40 -5.56
C ASP A 101 -10.51 17.97 -4.43
N PHE A 102 -10.98 18.92 -3.64
CA PHE A 102 -11.88 18.55 -2.59
C PHE A 102 -13.17 18.05 -3.24
N ARG A 103 -13.73 16.95 -2.73
CA ARG A 103 -14.96 16.42 -3.31
C ARG A 103 -15.95 16.07 -2.20
N PHE A 104 -17.23 16.00 -2.54
CA PHE A 104 -18.22 15.66 -1.54
C PHE A 104 -19.52 15.22 -2.19
N GLY A 105 -20.40 14.64 -1.39
CA GLY A 105 -21.68 14.19 -1.91
C GLY A 105 -21.53 12.82 -2.52
N LYS A 106 -22.65 12.16 -2.81
CA LYS A 106 -22.57 10.84 -3.42
C LYS A 106 -21.92 10.94 -4.79
N ASN A 107 -21.14 9.90 -5.12
CA ASN A 107 -20.42 9.81 -6.38
C ASN A 107 -19.47 10.98 -6.57
N ALA A 108 -19.09 11.58 -5.45
CA ALA A 108 -18.17 12.73 -5.40
C ALA A 108 -18.54 13.79 -6.42
N SER A 109 -19.84 13.98 -6.64
CA SER A 109 -20.29 14.96 -7.61
C SER A 109 -20.12 16.42 -7.16
N GLY A 110 -19.94 16.68 -5.87
CA GLY A 110 -19.76 18.05 -5.43
C GLY A 110 -18.29 18.45 -5.44
N ASN A 111 -17.99 19.70 -5.74
CA ASN A 111 -16.63 20.21 -5.75
C ASN A 111 -16.63 21.70 -5.42
N ALA A 112 -15.46 22.34 -5.49
CA ALA A 112 -15.35 23.75 -5.17
C ALA A 112 -16.23 24.53 -6.12
N SER A 113 -16.29 24.04 -7.36
CA SER A 113 -17.05 24.65 -8.42
C SER A 113 -18.53 24.75 -8.06
N PHE A 114 -19.07 23.62 -7.63
CA PHE A 114 -20.47 23.57 -7.24
C PHE A 114 -20.76 24.52 -6.08
N LEU A 115 -19.83 24.58 -5.14
CA LEU A 115 -19.99 25.43 -3.96
C LEU A 115 -20.06 26.91 -4.34
N ARG A 116 -19.24 27.30 -5.32
CA ARG A 116 -19.20 28.68 -5.80
C ARG A 116 -20.50 29.05 -6.46
N LYS A 117 -21.11 28.08 -7.14
CA LYS A 117 -22.37 28.31 -7.82
C LYS A 117 -23.49 28.50 -6.81
N LYS A 118 -23.28 28.03 -5.60
CA LYS A 118 -24.28 28.17 -4.55
C LYS A 118 -23.97 29.41 -3.71
N GLY A 119 -23.09 30.25 -4.23
CA GLY A 119 -22.72 31.47 -3.54
C GLY A 119 -21.69 31.26 -2.48
N VAL A 120 -21.06 30.09 -2.40
CA VAL A 120 -20.07 29.97 -1.34
C VAL A 120 -18.70 30.33 -1.89
N GLU A 121 -17.92 31.11 -1.16
CA GLU A 121 -16.59 31.39 -1.70
C GLU A 121 -15.70 30.26 -1.26
N VAL A 122 -14.87 29.78 -2.16
CA VAL A 122 -14.00 28.66 -1.85
C VAL A 122 -12.52 28.98 -1.96
N TYR A 123 -11.82 28.84 -0.86
CA TYR A 123 -10.40 29.06 -0.83
C TYR A 123 -9.76 27.68 -0.92
N GLU A 124 -9.16 27.40 -2.07
CA GLU A 124 -8.46 26.13 -2.29
C GLU A 124 -7.01 26.30 -1.91
N ILE A 125 -6.58 25.45 -0.98
CA ILE A 125 -5.25 25.52 -0.45
C ILE A 125 -4.33 24.59 -1.16
N GLU A 126 -3.24 25.15 -1.70
CA GLU A 126 -2.27 24.35 -2.44
C GLU A 126 -1.57 23.40 -1.46
N ASP A 127 -1.16 22.23 -1.91
CA ASP A 127 -0.44 21.31 -1.03
C ASP A 127 0.89 21.91 -0.58
N VAL A 128 1.34 21.55 0.60
CA VAL A 128 2.63 22.01 1.03
C VAL A 128 3.64 20.99 0.48
N VAL A 129 4.72 21.47 -0.10
CA VAL A 129 5.73 20.58 -0.65
C VAL A 129 6.94 20.56 0.26
N VAL A 130 7.48 19.36 0.51
CA VAL A 130 8.65 19.19 1.37
C VAL A 130 9.61 18.25 0.65
N GLN A 131 10.84 18.70 0.48
CA GLN A 131 11.88 17.96 -0.23
C GLN A 131 11.34 17.20 -1.41
N GLY A 132 10.77 17.96 -2.34
CA GLY A 132 10.25 17.37 -3.56
C GLY A 132 8.97 16.56 -3.47
N LYS A 133 8.48 16.32 -2.25
CA LYS A 133 7.25 15.56 -2.09
C LYS A 133 6.08 16.36 -1.51
N ARG A 134 4.88 16.09 -2.00
CA ARG A 134 3.71 16.76 -1.47
C ARG A 134 3.35 16.14 -0.12
N VAL A 135 3.21 16.96 0.90
CA VAL A 135 2.82 16.43 2.21
C VAL A 135 1.39 15.89 2.17
N SER A 136 1.21 14.63 2.56
CA SER A 136 -0.15 14.06 2.63
C SER A 136 -0.20 12.98 3.70
N SER A 137 -1.39 12.62 4.15
CA SER A 137 -1.53 11.58 5.15
C SER A 137 -0.99 10.26 4.56
N SER A 138 -1.24 10.03 3.27
CA SER A 138 -0.78 8.80 2.60
C SER A 138 0.72 8.65 2.64
N LEU A 139 1.41 9.74 2.39
CA LEU A 139 2.86 9.69 2.42
C LEU A 139 3.32 9.40 3.83
N ILE A 140 2.70 10.03 4.82
CA ILE A 140 3.13 9.76 6.18
C ILE A 140 2.79 8.32 6.62
N ARG A 141 1.63 7.82 6.21
CA ARG A 141 1.27 6.44 6.55
C ARG A 141 2.31 5.49 5.96
N ASN A 142 2.80 5.78 4.75
CA ASN A 142 3.77 4.92 4.11
C ASN A 142 5.12 4.94 4.85
N LEU A 143 5.51 6.11 5.36
CA LEU A 143 6.75 6.21 6.13
C LEU A 143 6.64 5.37 7.40
N VAL A 144 5.46 5.37 8.02
CA VAL A 144 5.26 4.56 9.22
C VAL A 144 5.43 3.06 8.90
N GLN A 145 4.81 2.62 7.81
CA GLN A 145 4.92 1.20 7.41
C GLN A 145 6.35 0.81 7.02
N GLU A 146 7.15 1.80 6.59
CA GLU A 146 8.52 1.55 6.21
C GLU A 146 9.42 1.82 7.39
N GLY A 147 8.80 2.03 8.54
CA GLY A 147 9.55 2.32 9.76
C GLY A 147 10.45 3.54 9.68
N ARG A 148 10.27 4.37 8.65
CA ARG A 148 11.06 5.59 8.49
C ARG A 148 10.57 6.73 9.40
N VAL A 149 10.72 6.52 10.70
CA VAL A 149 10.24 7.48 11.66
C VAL A 149 10.98 8.78 11.86
N GLU A 150 12.26 8.83 11.50
CA GLU A 150 13.07 10.05 11.63
C GLU A 150 12.77 11.04 10.52
N GLU A 151 12.24 10.54 9.41
CA GLU A 151 11.90 11.41 8.31
C GLU A 151 10.47 11.97 8.51
N ILE A 152 9.71 11.40 9.44
CA ILE A 152 8.35 11.85 9.59
C ILE A 152 8.14 13.32 10.03
N PRO A 153 8.90 13.81 11.02
CA PRO A 153 8.70 15.19 11.45
C PRO A 153 8.71 16.29 10.40
N ALA A 154 9.46 16.07 9.31
CA ALA A 154 9.52 17.08 8.27
C ALA A 154 8.19 17.17 7.50
N TYR A 155 7.33 16.17 7.68
CA TYR A 155 6.04 16.13 6.99
C TYR A 155 4.88 16.29 7.93
N LEU A 156 4.96 15.59 9.06
CA LEU A 156 3.91 15.63 10.06
C LEU A 156 3.99 16.84 10.99
N GLY A 157 5.18 17.43 11.13
CA GLY A 157 5.33 18.58 12.02
C GLY A 157 5.69 18.17 13.43
N ARG A 158 5.81 16.86 13.66
CA ARG A 158 6.19 16.29 14.95
C ARG A 158 6.49 14.78 14.73
N TYR A 159 6.95 14.09 15.75
CA TYR A 159 7.17 12.65 15.60
C TYR A 159 5.84 11.93 15.53
N PHE A 160 5.86 10.80 14.83
CA PHE A 160 4.68 9.95 14.74
C PHE A 160 4.43 9.42 16.17
N GLU A 161 3.15 9.29 16.52
CA GLU A 161 2.79 8.83 17.85
C GLU A 161 1.95 7.55 17.92
N ILE A 162 2.24 6.70 18.89
CA ILE A 162 1.44 5.49 19.14
C ILE A 162 0.76 5.88 20.46
N GLU A 163 -0.54 5.63 20.57
CA GLU A 163 -1.29 5.97 21.79
C GLU A 163 -2.28 4.86 22.11
N GLY A 164 -2.55 4.64 23.40
CA GLY A 164 -3.51 3.63 23.82
C GLY A 164 -3.49 3.38 25.31
N ILE A 165 -4.10 2.30 25.76
CA ILE A 165 -4.14 1.95 27.18
C ILE A 165 -3.30 0.70 27.41
N VAL A 166 -2.76 0.55 28.61
CA VAL A 166 -1.94 -0.61 28.93
C VAL A 166 -2.78 -1.86 29.24
N HIS A 167 -2.34 -2.99 28.69
CA HIS A 167 -2.94 -4.33 28.87
C HIS A 167 -4.28 -4.61 28.20
N LYS A 168 -5.35 -4.52 29.00
CA LYS A 168 -6.71 -4.78 28.52
C LYS A 168 -6.87 -6.22 28.03
N PHE A 178 9.78 -9.87 33.21
CA PHE A 178 9.34 -9.50 31.86
C PHE A 178 8.39 -8.29 31.82
N PRO A 179 8.80 -7.14 32.41
CA PRO A 179 7.96 -5.93 32.42
C PRO A 179 8.03 -4.99 31.22
N THR A 180 6.92 -4.95 30.49
CA THR A 180 6.79 -4.09 29.34
C THR A 180 5.35 -3.65 29.40
N ALA A 181 5.04 -2.55 28.75
CA ALA A 181 3.66 -2.09 28.74
C ALA A 181 3.11 -2.40 27.35
N ASN A 182 2.07 -3.22 27.31
CA ASN A 182 1.44 -3.54 26.04
C ASN A 182 0.39 -2.47 25.78
N ILE A 183 0.52 -1.79 24.66
CA ILE A 183 -0.39 -0.71 24.32
C ILE A 183 -1.57 -1.11 23.46
N ASP A 184 -2.77 -0.93 23.98
CA ASP A 184 -3.95 -1.21 23.17
C ASP A 184 -4.27 0.12 22.47
N ARG A 185 -4.20 0.19 21.15
CA ARG A 185 -4.47 1.43 20.44
C ARG A 185 -5.95 1.72 20.14
N GLY A 186 -6.85 0.85 20.61
CA GLY A 186 -8.25 1.09 20.35
C GLY A 186 -8.77 0.23 19.22
N ASN A 187 -10.02 0.45 18.82
CA ASN A 187 -10.64 -0.39 17.79
C ASN A 187 -10.67 0.19 16.41
N GLU A 188 -10.04 1.34 16.23
CA GLU A 188 -10.07 1.97 14.93
C GLU A 188 -8.96 1.40 14.06
N LYS A 189 -9.11 1.46 12.74
CA LYS A 189 -8.07 0.96 11.85
C LYS A 189 -6.94 1.98 11.77
N LEU A 190 -5.83 1.69 12.43
CA LEU A 190 -4.69 2.57 12.45
C LEU A 190 -3.49 1.99 11.69
N VAL A 191 -2.70 2.86 11.10
CA VAL A 191 -1.53 2.43 10.37
C VAL A 191 -0.61 1.76 11.39
N ASP A 192 0.08 0.70 10.92
CA ASP A 192 1.02 -0.03 11.75
C ASP A 192 2.45 0.27 11.34
N LEU A 193 3.29 0.40 12.36
CA LEU A 193 4.73 0.61 12.13
C LEU A 193 5.35 -0.69 11.58
N LYS A 194 6.39 -0.56 10.78
CA LYS A 194 7.16 -1.72 10.32
C LYS A 194 7.55 -2.52 11.59
N ARG A 195 7.39 -3.85 11.54
CA ARG A 195 7.74 -4.68 12.70
C ARG A 195 9.18 -4.41 13.07
N GLY A 196 9.47 -4.44 14.37
CA GLY A 196 10.84 -4.14 14.77
C GLY A 196 10.91 -3.42 16.10
N VAL A 197 12.10 -2.97 16.44
CA VAL A 197 12.33 -2.30 17.70
C VAL A 197 12.57 -0.84 17.48
N TYR A 198 11.98 -0.02 18.34
CA TYR A 198 12.07 1.42 18.22
C TYR A 198 12.49 2.14 19.47
N LEU A 199 13.16 3.28 19.28
CA LEU A 199 13.49 4.14 20.40
C LEU A 199 12.25 5.06 20.55
N VAL A 200 11.62 5.10 21.71
CA VAL A 200 10.47 5.97 21.89
C VAL A 200 10.59 6.95 23.05
N ARG A 201 9.88 8.07 22.95
CA ARG A 201 9.84 9.01 24.06
C ARG A 201 8.47 8.66 24.65
N VAL A 202 8.42 8.29 25.92
CA VAL A 202 7.15 7.92 26.54
C VAL A 202 6.53 9.02 27.42
N HIS A 203 5.37 9.52 27.03
CA HIS A 203 4.70 10.52 27.84
C HIS A 203 3.74 9.75 28.78
N LEU A 204 4.11 9.68 30.07
CA LEU A 204 3.33 8.96 31.09
C LEU A 204 2.28 9.89 31.70
N PRO A 205 1.41 9.36 32.57
CA PRO A 205 0.46 10.31 33.13
C PRO A 205 1.24 11.14 34.19
N ASP A 206 0.69 12.27 34.60
CA ASP A 206 1.35 13.10 35.60
C ASP A 206 2.47 13.92 34.95
N GLY A 207 2.47 13.95 33.62
CA GLY A 207 3.43 14.72 32.87
C GLY A 207 4.85 14.21 32.78
N LYS A 208 5.16 13.13 33.47
CA LYS A 208 6.53 12.63 33.37
C LYS A 208 6.81 12.20 31.93
N LYS A 209 8.08 12.25 31.56
CA LYS A 209 8.52 11.85 30.24
C LYS A 209 9.68 10.88 30.45
N LYS A 210 9.60 9.71 29.84
CA LYS A 210 10.65 8.72 29.97
C LYS A 210 10.99 8.28 28.57
N PHE A 211 12.06 7.52 28.42
CA PHE A 211 12.44 7.00 27.12
C PHE A 211 12.07 5.55 27.20
N GLY A 212 11.86 4.91 26.06
CA GLY A 212 11.50 3.53 26.10
C GLY A 212 12.02 2.84 24.87
N VAL A 213 11.94 1.53 24.89
CA VAL A 213 12.38 0.74 23.76
C VAL A 213 11.09 -0.05 23.50
N MET A 214 10.55 0.18 22.31
CA MET A 214 9.27 -0.41 21.93
C MET A 214 9.44 -1.41 20.81
N ASN A 215 8.80 -2.55 21.00
CA ASN A 215 8.89 -3.58 20.01
C ASN A 215 7.60 -3.66 19.25
N VAL A 216 7.70 -3.81 17.95
CA VAL A 216 6.50 -3.94 17.15
C VAL A 216 6.61 -5.28 16.41
N GLY A 217 5.72 -6.20 16.76
CA GLY A 217 5.75 -7.50 16.11
C GLY A 217 4.41 -8.16 15.87
N PHE A 218 4.37 -8.98 14.83
CA PHE A 218 3.17 -9.74 14.50
C PHE A 218 2.95 -10.64 15.68
N ARG A 219 1.80 -10.53 16.30
CA ARG A 219 1.47 -11.40 17.38
C ARG A 219 0.09 -11.78 16.89
N PRO A 220 0.04 -12.45 15.72
CA PRO A 220 -1.16 -12.90 15.03
C PRO A 220 -2.36 -12.94 15.94
N THR A 221 -2.57 -14.07 16.59
CA THR A 221 -3.70 -14.19 17.48
C THR A 221 -4.86 -13.52 16.71
N ASP A 224 -8.13 -13.09 12.82
CA ASP A 224 -7.18 -12.02 12.87
C ASP A 224 -5.80 -12.52 12.80
N ALA A 225 -5.18 -11.63 11.94
CA ALA A 225 -3.83 -11.69 11.36
C ALA A 225 -2.94 -10.42 11.27
N ARG A 226 -3.28 -9.41 10.47
CA ARG A 226 -2.42 -8.21 10.42
C ARG A 226 -2.37 -7.58 11.79
N ASN A 227 -2.63 -8.43 12.78
CA ASN A 227 -2.63 -7.97 14.17
C ASN A 227 -1.22 -7.74 14.67
N VAL A 228 -0.96 -6.51 15.07
CA VAL A 228 0.36 -6.13 15.52
C VAL A 228 0.33 -5.70 16.96
N LYS A 229 1.32 -6.14 17.73
CA LYS A 229 1.38 -5.76 19.14
C LYS A 229 2.40 -4.66 19.37
N TYR A 230 2.07 -3.76 20.28
CA TYR A 230 2.98 -2.68 20.63
C TYR A 230 3.30 -2.83 22.11
N GLU A 231 4.54 -3.15 22.44
CA GLU A 231 4.91 -3.31 23.83
C GLU A 231 6.15 -2.50 24.08
N VAL A 232 6.16 -1.76 25.17
CA VAL A 232 7.31 -0.92 25.42
C VAL A 232 7.94 -1.21 26.77
N TYR A 233 9.26 -1.14 26.77
CA TYR A 233 9.99 -1.33 27.99
C TYR A 233 10.44 0.08 28.31
N ILE A 234 9.85 0.66 29.32
CA ILE A 234 10.20 2.03 29.67
C ILE A 234 11.50 2.05 30.49
N LEU A 235 12.36 3.01 30.18
CA LEU A 235 13.61 3.11 30.90
C LEU A 235 13.44 3.97 32.16
N ASP A 236 14.06 3.49 33.24
CA ASP A 236 14.05 4.16 34.54
C ASP A 236 12.65 4.42 35.06
N PHE A 237 11.80 3.42 34.95
CA PHE A 237 10.45 3.57 35.44
C PHE A 237 9.78 2.25 35.84
N GLU A 238 9.38 2.17 37.10
CA GLU A 238 8.69 0.99 37.57
C GLU A 238 7.32 1.44 37.96
N GLY A 239 6.44 0.49 38.23
CA GLY A 239 5.08 0.86 38.56
C GLY A 239 4.26 0.45 37.38
N ASP A 240 3.15 -0.22 37.65
CA ASP A 240 2.27 -0.70 36.60
C ASP A 240 1.40 0.43 36.12
N LEU A 241 1.44 0.65 34.81
CA LEU A 241 0.66 1.69 34.16
C LEU A 241 -0.60 1.00 33.68
N TYR A 242 -0.75 -0.26 34.08
CA TYR A 242 -1.89 -1.08 33.72
C TYR A 242 -3.21 -0.32 33.83
N GLY A 243 -3.93 -0.23 32.71
CA GLY A 243 -5.19 0.48 32.74
C GLY A 243 -5.04 1.96 32.49
N GLN A 244 -3.81 2.43 32.38
CA GLN A 244 -3.57 3.85 32.13
C GLN A 244 -3.25 4.14 30.66
N ARG A 245 -3.51 5.38 30.27
CA ARG A 245 -3.29 5.87 28.91
C ARG A 245 -1.84 6.30 28.68
N LEU A 246 -1.25 5.88 27.57
CA LEU A 246 0.12 6.25 27.26
C LEU A 246 0.21 6.86 25.87
N LYS A 247 1.22 7.67 25.67
CA LYS A 247 1.45 8.30 24.40
C LYS A 247 2.92 8.12 24.17
N LEU A 248 3.28 7.66 22.98
CA LEU A 248 4.67 7.38 22.63
C LEU A 248 5.12 8.03 21.34
N GLU A 249 6.12 8.89 21.43
CA GLU A 249 6.68 9.50 20.23
C GLU A 249 7.68 8.47 19.69
N VAL A 250 7.55 8.13 18.40
CA VAL A 250 8.42 7.13 17.81
C VAL A 250 9.60 7.85 17.18
N LEU A 251 10.71 7.76 17.89
CA LEU A 251 11.89 8.46 17.51
C LEU A 251 12.84 7.88 16.49
N LYS A 252 13.13 6.59 16.59
CA LYS A 252 14.10 5.98 15.71
C LYS A 252 13.90 4.50 15.53
N PHE A 253 14.11 4.03 14.31
CA PHE A 253 14.00 2.60 14.08
C PHE A 253 15.36 2.03 14.52
N MET A 254 15.34 1.03 15.40
CA MET A 254 16.61 0.46 15.84
C MET A 254 16.99 -0.83 15.08
N ARG A 255 16.10 -1.81 15.03
CA ARG A 255 16.42 -3.06 14.37
C ARG A 255 15.15 -3.83 14.03
N ASP A 256 15.22 -4.66 12.97
CA ASP A 256 14.08 -5.46 12.54
C ASP A 256 13.69 -6.47 13.59
N GLU A 257 12.43 -6.91 13.52
CA GLU A 257 11.93 -7.90 14.44
C GLU A 257 12.76 -9.18 14.24
N LYS A 258 12.92 -10.00 15.27
CA LYS A 258 13.71 -11.23 15.13
C LYS A 258 13.02 -12.49 15.70
N LYS A 259 13.40 -13.62 15.13
CA LYS A 259 12.87 -14.90 15.58
C LYS A 259 14.02 -15.57 16.37
N PHE A 260 13.95 -15.45 17.69
CA PHE A 260 14.95 -16.03 18.56
C PHE A 260 14.56 -17.47 18.90
N ASP A 261 15.55 -18.25 19.32
CA ASP A 261 15.31 -19.65 19.67
C ASP A 261 15.29 -19.91 21.17
N SER A 262 14.40 -19.22 21.87
CA SER A 262 14.18 -19.38 23.30
C SER A 262 14.84 -18.40 24.29
N ILE A 263 13.99 -17.97 25.22
CA ILE A 263 14.24 -17.05 26.32
C ILE A 263 15.66 -16.74 26.81
N GLU A 264 16.57 -16.41 25.90
CA GLU A 264 17.94 -16.09 26.31
C GLU A 264 18.59 -15.18 25.27
N GLU A 265 18.52 -15.59 24.01
CA GLU A 265 19.08 -14.76 22.96
C GLU A 265 18.13 -13.57 22.82
N LEU A 266 16.87 -13.77 23.23
CA LEU A 266 15.88 -12.70 23.19
C LEU A 266 16.36 -11.71 24.25
N LYS A 267 16.42 -12.21 25.49
CA LYS A 267 16.88 -11.42 26.63
C LYS A 267 18.15 -10.67 26.19
N ALA A 268 19.10 -11.40 25.61
CA ALA A 268 20.34 -10.80 25.13
C ALA A 268 20.07 -9.66 24.15
N ALA A 269 19.23 -9.93 23.14
CA ALA A 269 18.88 -8.94 22.13
C ALA A 269 18.25 -7.69 22.77
N ILE A 270 17.33 -7.92 23.70
CA ILE A 270 16.66 -6.84 24.41
C ILE A 270 17.73 -6.05 25.14
N ASP A 271 18.53 -6.75 25.94
CA ASP A 271 19.59 -6.09 26.68
C ASP A 271 20.41 -5.23 25.72
N GLN A 272 20.62 -5.74 24.51
CA GLN A 272 21.37 -4.99 23.51
C GLN A 272 20.57 -3.75 23.05
N ASP A 273 19.25 -3.88 22.98
CA ASP A 273 18.41 -2.75 22.57
C ASP A 273 18.49 -1.62 23.59
N VAL A 274 18.31 -1.96 24.86
CA VAL A 274 18.37 -0.97 25.92
C VAL A 274 19.73 -0.28 25.89
N LYS A 275 20.79 -1.07 25.82
CA LYS A 275 22.16 -0.57 25.77
C LYS A 275 22.30 0.45 24.65
N SER A 276 21.82 0.09 23.46
CA SER A 276 21.90 1.00 22.32
C SER A 276 21.10 2.28 22.60
N ALA A 277 19.91 2.09 23.17
CA ALA A 277 19.04 3.22 23.49
C ALA A 277 19.78 4.16 24.46
N ARG A 278 20.31 3.62 25.55
CA ARG A 278 21.04 4.42 26.53
C ARG A 278 22.08 5.27 25.82
N ASN A 279 22.78 4.67 24.88
CA ASN A 279 23.82 5.39 24.14
C ASN A 279 23.20 6.49 23.30
N MET A 280 22.05 6.23 22.71
CA MET A 280 21.42 7.24 21.86
C MET A 280 20.97 8.43 22.69
N ILE A 281 20.34 8.14 23.81
CA ILE A 281 19.82 9.17 24.73
C ILE A 281 21.00 10.02 25.19
N ASP A 282 22.05 9.33 25.61
CA ASP A 282 23.22 10.02 26.07
C ASP A 282 23.75 10.91 24.95
N ASP A 283 23.68 10.44 23.71
CA ASP A 283 24.16 11.26 22.60
C ASP A 283 23.33 12.52 22.48
N ILE A 284 22.00 12.35 22.54
CA ILE A 284 21.03 13.46 22.49
C ILE A 284 21.34 14.43 23.62
N ILE A 285 21.50 13.92 24.83
CA ILE A 285 21.79 14.80 25.95
C ILE A 285 23.05 15.62 25.71
N ASN A 286 24.13 14.95 25.29
CA ASN A 286 25.39 15.64 25.03
C ASN A 286 25.27 16.70 23.93
N SER A 287 24.25 16.59 23.09
CA SER A 287 24.01 17.59 22.06
C SER A 287 23.37 18.75 22.81
N LYS A 288 23.79 18.92 24.07
CA LYS A 288 23.31 19.96 24.98
C LYS A 288 22.19 20.84 24.47
N MET B 1 19.81 -25.72 1.18
CA MET B 1 18.50 -25.05 1.42
C MET B 1 17.36 -25.82 0.75
N VAL B 2 16.10 -25.60 1.19
CA VAL B 2 15.02 -26.19 0.45
C VAL B 2 14.87 -25.16 -0.69
N VAL B 3 14.65 -25.62 -1.92
CA VAL B 3 14.61 -24.71 -3.06
C VAL B 3 13.32 -24.76 -3.88
N SER B 4 12.79 -23.65 -4.38
CA SER B 4 11.65 -23.78 -5.31
C SER B 4 12.21 -23.35 -6.64
N ILE B 5 11.67 -23.90 -7.70
CA ILE B 5 12.18 -23.56 -9.01
C ILE B 5 10.97 -23.44 -9.91
N GLY B 6 11.01 -22.42 -10.77
CA GLY B 6 9.95 -22.16 -11.73
C GLY B 6 10.08 -20.74 -12.30
N VAL B 7 9.21 -20.44 -13.25
CA VAL B 7 9.21 -19.09 -13.83
C VAL B 7 8.47 -18.21 -12.84
N PHE B 8 7.26 -18.63 -12.46
CA PHE B 8 6.48 -17.88 -11.47
C PHE B 8 6.00 -16.52 -12.04
N ASP B 9 5.75 -16.46 -13.34
CA ASP B 9 5.28 -15.20 -13.93
C ASP B 9 3.92 -14.85 -13.34
N GLY B 10 3.84 -13.74 -12.61
CA GLY B 10 2.59 -13.33 -12.00
C GLY B 10 2.50 -13.67 -10.54
N VAL B 11 3.27 -14.68 -10.09
CA VAL B 11 3.24 -15.16 -8.71
C VAL B 11 1.75 -15.29 -8.31
N HIS B 12 1.01 -16.09 -9.08
CA HIS B 12 -0.41 -16.30 -8.84
C HIS B 12 -0.59 -17.25 -7.67
N ILE B 13 -1.83 -17.63 -7.34
CA ILE B 13 -2.04 -18.46 -6.15
C ILE B 13 -1.44 -19.85 -6.26
N GLY B 14 -1.26 -20.36 -7.46
CA GLY B 14 -0.62 -21.66 -7.58
C GLY B 14 0.85 -21.46 -7.19
N HIS B 15 1.47 -20.38 -7.69
CA HIS B 15 2.89 -20.12 -7.36
C HIS B 15 3.05 -19.94 -5.87
N GLN B 16 2.15 -19.14 -5.30
CA GLN B 16 2.20 -18.94 -3.88
C GLN B 16 2.09 -20.28 -3.12
N LYS B 17 1.33 -21.23 -3.64
CA LYS B 17 1.19 -22.51 -2.93
C LYS B 17 2.58 -23.18 -2.95
N VAL B 18 3.23 -23.12 -4.11
CA VAL B 18 4.58 -23.65 -4.28
C VAL B 18 5.53 -23.01 -3.28
N LEU B 19 5.52 -21.68 -3.24
CA LEU B 19 6.42 -20.96 -2.33
C LEU B 19 6.08 -21.23 -0.87
N ARG B 20 4.79 -21.28 -0.53
CA ARG B 20 4.43 -21.54 0.87
C ARG B 20 4.85 -22.94 1.29
N THR B 21 4.79 -23.91 0.39
CA THR B 21 5.22 -25.28 0.71
C THR B 21 6.71 -25.27 1.01
N MET B 22 7.46 -24.59 0.14
CA MET B 22 8.91 -24.46 0.34
C MET B 22 9.19 -23.94 1.76
N LYS B 23 8.52 -22.86 2.13
CA LYS B 23 8.71 -22.28 3.46
C LYS B 23 8.33 -23.25 4.57
N GLU B 24 7.29 -24.06 4.38
CA GLU B 24 6.94 -25.01 5.45
C GLU B 24 8.02 -26.10 5.55
N ILE B 25 8.52 -26.52 4.42
CA ILE B 25 9.52 -27.55 4.42
C ILE B 25 10.77 -26.99 5.08
N ALA B 26 11.13 -25.74 4.73
CA ALA B 26 12.31 -25.10 5.31
C ALA B 26 12.15 -25.02 6.82
N PHE B 27 10.97 -24.67 7.28
CA PHE B 27 10.76 -24.58 8.71
C PHE B 27 10.87 -26.00 9.29
N PHE B 28 10.20 -26.95 8.64
CA PHE B 28 10.23 -28.34 9.11
C PHE B 28 11.65 -28.89 9.24
N ARG B 29 12.48 -28.68 8.23
CA ARG B 29 13.85 -29.19 8.26
C ARG B 29 14.86 -28.26 8.91
N LYS B 30 14.42 -27.10 9.40
CA LYS B 30 15.33 -26.14 10.00
C LYS B 30 16.41 -25.71 8.98
N ASP B 31 16.02 -25.59 7.72
CA ASP B 31 16.94 -25.19 6.65
C ASP B 31 16.57 -23.81 6.13
N ASP B 32 17.35 -23.28 5.20
CA ASP B 32 17.01 -21.99 4.62
C ASP B 32 16.27 -22.24 3.33
N SER B 33 15.67 -21.17 2.81
CA SER B 33 14.91 -21.20 1.57
C SER B 33 15.65 -20.47 0.48
N LEU B 34 15.45 -20.92 -0.75
CA LEU B 34 16.04 -20.28 -1.89
C LEU B 34 15.06 -20.46 -3.04
N ILE B 35 14.73 -19.37 -3.73
CA ILE B 35 13.86 -19.47 -4.89
C ILE B 35 14.70 -19.25 -6.14
N TYR B 36 14.63 -20.18 -7.09
CA TYR B 36 15.27 -20.02 -8.38
C TYR B 36 14.15 -19.68 -9.36
N THR B 37 14.18 -18.48 -9.94
CA THR B 37 13.16 -18.16 -10.92
C THR B 37 13.83 -18.12 -12.30
N ILE B 38 13.27 -18.87 -13.25
CA ILE B 38 13.79 -18.91 -14.60
C ILE B 38 13.28 -17.65 -15.30
N SER B 39 14.21 -16.83 -15.76
CA SER B 39 13.90 -15.56 -16.41
C SER B 39 12.65 -15.66 -17.25
N TYR B 40 12.66 -16.56 -18.22
CA TYR B 40 11.53 -16.69 -19.10
C TYR B 40 11.20 -18.13 -19.39
N PRO B 41 9.95 -18.37 -19.80
CA PRO B 41 9.44 -19.68 -20.17
C PRO B 41 9.88 -19.80 -21.63
N PRO B 42 9.98 -21.04 -22.13
CA PRO B 42 10.36 -21.38 -23.51
C PRO B 42 9.46 -20.66 -24.51
N GLU B 43 8.16 -20.65 -24.22
CA GLU B 43 7.14 -20.02 -25.05
C GLU B 43 7.41 -18.54 -25.34
N TYR B 44 8.11 -17.86 -24.44
CA TYR B 44 8.46 -16.46 -24.58
C TYR B 44 9.16 -16.23 -25.91
N PHE B 45 9.98 -17.21 -26.28
CA PHE B 45 10.78 -17.20 -27.49
C PHE B 45 10.18 -17.98 -28.65
N LEU B 46 8.89 -18.29 -28.56
CA LEU B 46 8.26 -19.02 -29.64
C LEU B 46 7.18 -18.14 -30.21
N PRO B 47 6.67 -18.49 -31.39
CA PRO B 47 5.63 -17.66 -32.01
C PRO B 47 4.37 -17.48 -31.14
N ASP B 48 3.77 -16.30 -31.22
CA ASP B 48 2.53 -16.02 -30.53
C ASP B 48 2.48 -16.00 -29.01
N PHE B 49 3.59 -15.71 -28.35
CA PHE B 49 3.53 -15.66 -26.90
C PHE B 49 2.65 -14.46 -26.48
N PRO B 50 1.63 -14.67 -25.65
CA PRO B 50 0.77 -13.54 -25.23
C PRO B 50 1.59 -12.41 -24.55
N GLY B 51 2.62 -12.81 -23.83
CA GLY B 51 3.48 -11.87 -23.14
C GLY B 51 3.41 -12.10 -21.64
N LEU B 52 4.48 -11.76 -20.93
CA LEU B 52 4.50 -11.95 -19.50
C LEU B 52 3.42 -11.13 -18.84
N LEU B 53 3.14 -11.47 -17.60
CA LEU B 53 2.14 -10.78 -16.82
C LEU B 53 2.74 -9.55 -16.15
N MET B 54 4.06 -9.57 -15.93
CA MET B 54 4.83 -8.50 -15.30
C MET B 54 6.29 -8.68 -15.71
N THR B 55 7.10 -7.67 -15.48
CA THR B 55 8.50 -7.77 -15.84
C THR B 55 9.21 -8.70 -14.86
N VAL B 56 10.35 -9.23 -15.25
CA VAL B 56 11.10 -10.10 -14.35
C VAL B 56 11.37 -9.39 -13.03
N GLU B 57 11.80 -8.12 -13.15
CA GLU B 57 12.12 -7.30 -11.98
C GLU B 57 10.94 -7.23 -10.99
N SER B 58 9.72 -7.06 -11.50
CA SER B 58 8.55 -6.96 -10.60
C SER B 58 8.31 -8.31 -9.99
N ARG B 59 8.49 -9.34 -10.81
CA ARG B 59 8.30 -10.71 -10.33
C ARG B 59 9.26 -10.97 -9.18
N VAL B 60 10.52 -10.60 -9.35
CA VAL B 60 11.52 -10.84 -8.33
C VAL B 60 11.22 -10.08 -7.06
N GLU B 61 10.72 -8.86 -7.21
CA GLU B 61 10.37 -8.03 -6.04
C GLU B 61 9.34 -8.81 -5.20
N MET B 62 8.36 -9.42 -5.86
CA MET B 62 7.35 -10.21 -5.16
C MET B 62 7.95 -11.51 -4.62
N LEU B 63 8.80 -12.17 -5.38
CA LEU B 63 9.39 -13.43 -4.89
C LEU B 63 10.29 -13.22 -3.69
N SER B 64 11.01 -12.09 -3.67
CA SER B 64 11.93 -11.80 -2.58
C SER B 64 11.23 -11.64 -1.26
N ARG B 65 9.91 -11.46 -1.27
CA ARG B 65 9.19 -11.36 0.01
C ARG B 65 9.10 -12.74 0.67
N TYR B 66 9.19 -13.78 -0.14
CA TYR B 66 9.14 -15.14 0.41
C TYR B 66 10.52 -15.61 0.85
N ALA B 67 11.53 -15.30 0.03
CA ALA B 67 12.89 -15.75 0.32
C ALA B 67 13.91 -15.23 -0.67
N ARG B 68 15.18 -15.46 -0.35
CA ARG B 68 16.29 -15.09 -1.22
C ARG B 68 15.94 -15.66 -2.60
N THR B 69 15.99 -14.81 -3.61
CA THR B 69 15.62 -15.17 -4.94
C THR B 69 16.75 -14.95 -5.92
N VAL B 70 17.01 -15.93 -6.77
CA VAL B 70 18.04 -15.85 -7.77
C VAL B 70 17.46 -16.13 -9.17
N VAL B 71 17.78 -15.24 -10.13
CA VAL B 71 17.25 -15.43 -11.48
C VAL B 71 18.19 -16.30 -12.27
N LEU B 72 17.64 -17.29 -12.95
CA LEU B 72 18.44 -18.19 -13.76
C LEU B 72 18.08 -17.78 -15.16
N ASP B 73 19.07 -17.42 -15.96
CA ASP B 73 18.79 -17.00 -17.32
C ASP B 73 18.42 -18.21 -18.14
N PHE B 74 17.20 -18.18 -18.68
CA PHE B 74 16.72 -19.30 -19.49
C PHE B 74 17.71 -19.72 -20.60
N PHE B 75 18.28 -18.76 -21.32
CA PHE B 75 19.20 -19.13 -22.39
C PHE B 75 20.43 -19.85 -21.89
N ARG B 76 20.87 -19.51 -20.68
CA ARG B 76 22.00 -20.21 -20.09
C ARG B 76 21.60 -21.65 -19.75
N ILE B 77 20.66 -21.82 -18.84
CA ILE B 77 20.29 -23.16 -18.41
C ILE B 77 19.65 -24.10 -19.40
N LYS B 78 19.09 -23.61 -20.51
CA LYS B 78 18.45 -24.57 -21.43
C LYS B 78 19.46 -25.45 -22.16
N ASP B 79 20.69 -24.96 -22.27
CA ASP B 79 21.77 -25.70 -22.92
C ASP B 79 22.48 -26.66 -21.99
N LEU B 80 22.40 -26.39 -20.69
CA LEU B 80 23.03 -27.27 -19.69
C LEU B 80 22.39 -28.63 -19.74
N THR B 81 23.17 -29.67 -19.39
CA THR B 81 22.63 -31.01 -19.33
C THR B 81 21.94 -31.00 -17.97
N PRO B 82 21.06 -31.98 -17.70
CA PRO B 82 20.40 -31.97 -16.40
C PRO B 82 21.45 -32.00 -15.30
N GLU B 83 22.41 -32.92 -15.46
CA GLU B 83 23.50 -33.08 -14.50
C GLU B 83 24.22 -31.75 -14.30
N GLY B 84 24.61 -31.09 -15.36
CA GLY B 84 25.26 -29.79 -15.18
C GLY B 84 24.40 -28.79 -14.39
N PHE B 85 23.07 -28.82 -14.58
CA PHE B 85 22.17 -27.91 -13.84
C PHE B 85 22.23 -28.23 -12.35
N VAL B 86 22.09 -29.50 -12.02
CA VAL B 86 22.14 -29.91 -10.62
C VAL B 86 23.50 -29.54 -10.07
N GLU B 87 24.55 -29.79 -10.85
CA GLU B 87 25.89 -29.50 -10.40
C GLU B 87 26.12 -28.01 -10.14
N ARG B 88 25.56 -27.16 -11.01
CA ARG B 88 25.75 -25.72 -10.84
C ARG B 88 24.85 -25.04 -9.84
N TYR B 89 23.68 -25.62 -9.60
CA TYR B 89 22.69 -24.96 -8.79
C TYR B 89 22.10 -25.65 -7.59
N LEU B 90 22.34 -26.95 -7.45
CA LEU B 90 21.67 -27.65 -6.37
C LEU B 90 22.53 -28.42 -5.39
N SER B 91 23.82 -28.13 -5.37
CA SER B 91 24.67 -28.86 -4.46
C SER B 91 24.19 -28.66 -3.02
N GLY B 92 24.17 -29.74 -2.26
CA GLY B 92 23.74 -29.65 -0.89
C GLY B 92 22.27 -29.33 -0.71
N VAL B 93 21.43 -29.44 -1.73
CA VAL B 93 20.00 -29.13 -1.53
C VAL B 93 19.26 -30.45 -1.36
N SER B 94 18.65 -30.69 -0.21
CA SER B 94 17.97 -31.97 -0.01
C SER B 94 16.58 -31.98 -0.60
N ALA B 95 15.96 -30.82 -0.72
CA ALA B 95 14.59 -30.77 -1.27
C ALA B 95 14.29 -29.58 -2.17
N VAL B 96 13.53 -29.88 -3.21
CA VAL B 96 13.11 -28.94 -4.21
C VAL B 96 11.57 -29.02 -4.35
N VAL B 97 10.95 -27.87 -4.51
CA VAL B 97 9.51 -27.77 -4.68
C VAL B 97 9.29 -27.09 -5.99
N VAL B 98 8.55 -27.75 -6.87
CA VAL B 98 8.24 -27.23 -8.18
C VAL B 98 6.78 -27.56 -8.51
N GLY B 99 6.25 -26.91 -9.54
CA GLY B 99 4.88 -27.18 -9.96
C GLY B 99 4.86 -28.35 -10.94
N ARG B 100 3.71 -28.63 -11.54
CA ARG B 100 3.60 -29.73 -12.51
C ARG B 100 4.33 -29.43 -13.81
N ASP B 101 4.71 -30.50 -14.52
CA ASP B 101 5.37 -30.38 -15.80
C ASP B 101 6.71 -29.65 -15.69
N PHE B 102 7.34 -29.69 -14.52
CA PHE B 102 8.60 -29.00 -14.38
C PHE B 102 9.66 -29.62 -15.29
N ARG B 103 10.37 -28.74 -16.01
CA ARG B 103 11.41 -29.13 -16.95
C ARG B 103 12.64 -28.22 -16.87
N PHE B 104 13.80 -28.79 -17.17
CA PHE B 104 15.03 -28.02 -17.17
C PHE B 104 16.06 -28.74 -17.97
N GLY B 105 17.06 -27.99 -18.44
CA GLY B 105 18.15 -28.60 -19.18
C GLY B 105 17.95 -28.77 -20.67
N LYS B 106 19.00 -29.24 -21.33
CA LYS B 106 19.01 -29.45 -22.77
C LYS B 106 17.79 -30.25 -23.23
N ASN B 107 17.06 -29.70 -24.19
CA ASN B 107 15.89 -30.36 -24.73
C ASN B 107 14.88 -30.77 -23.64
N ALA B 108 14.84 -30.01 -22.54
CA ALA B 108 13.90 -30.27 -21.45
C ALA B 108 13.99 -31.68 -20.87
N SER B 109 15.16 -32.30 -20.96
CA SER B 109 15.34 -33.65 -20.43
C SER B 109 15.40 -33.77 -18.91
N GLY B 110 15.68 -32.68 -18.21
CA GLY B 110 15.71 -32.75 -16.78
C GLY B 110 14.29 -32.59 -16.25
N ASN B 111 13.92 -33.37 -15.24
CA ASN B 111 12.58 -33.32 -14.65
C ASN B 111 12.68 -33.71 -13.18
N ALA B 112 11.54 -33.81 -12.51
CA ALA B 112 11.61 -34.14 -11.11
C ALA B 112 12.23 -35.50 -10.85
N SER B 113 12.00 -36.48 -11.72
CA SER B 113 12.58 -37.81 -11.48
C SER B 113 14.08 -37.70 -11.43
N PHE B 114 14.61 -37.03 -12.45
CA PHE B 114 16.04 -36.87 -12.57
C PHE B 114 16.59 -36.31 -11.29
N LEU B 115 15.95 -35.26 -10.78
CA LEU B 115 16.39 -34.68 -9.54
C LEU B 115 16.42 -35.71 -8.41
N ARG B 116 15.33 -36.46 -8.24
CA ARG B 116 15.25 -37.48 -7.20
C ARG B 116 16.35 -38.53 -7.35
N LYS B 117 16.59 -38.96 -8.58
CA LYS B 117 17.62 -39.96 -8.84
C LYS B 117 19.01 -39.44 -8.44
N LYS B 118 19.13 -38.14 -8.24
CA LYS B 118 20.41 -37.54 -7.84
C LYS B 118 20.45 -37.22 -6.35
N GLY B 119 19.51 -37.78 -5.60
CA GLY B 119 19.47 -37.56 -4.17
C GLY B 119 18.51 -36.46 -3.72
N VAL B 120 18.10 -35.59 -4.63
CA VAL B 120 17.19 -34.50 -4.29
C VAL B 120 15.71 -34.93 -4.09
N GLU B 121 15.15 -34.72 -2.91
CA GLU B 121 13.72 -35.03 -2.74
C GLU B 121 12.90 -33.91 -3.44
N VAL B 122 11.90 -34.30 -4.23
CA VAL B 122 11.13 -33.33 -4.99
C VAL B 122 9.63 -33.37 -4.85
N TYR B 123 9.05 -32.26 -4.39
CA TYR B 123 7.62 -32.18 -4.23
C TYR B 123 7.06 -31.36 -5.36
N GLU B 124 6.25 -32.03 -6.19
CA GLU B 124 5.60 -31.44 -7.33
C GLU B 124 4.21 -31.06 -6.79
N ILE B 125 3.91 -29.77 -6.85
CA ILE B 125 2.67 -29.25 -6.31
C ILE B 125 1.57 -29.29 -7.37
N GLU B 126 0.42 -29.81 -6.97
CA GLU B 126 -0.75 -29.90 -7.86
C GLU B 126 -1.25 -28.49 -8.15
N ASP B 127 -1.64 -28.22 -9.39
CA ASP B 127 -2.14 -26.88 -9.74
C ASP B 127 -3.32 -26.51 -8.83
N VAL B 128 -3.48 -25.22 -8.54
CA VAL B 128 -4.62 -24.80 -7.74
C VAL B 128 -5.82 -24.77 -8.71
N VAL B 129 -6.95 -25.29 -8.27
CA VAL B 129 -8.11 -25.29 -9.15
C VAL B 129 -9.08 -24.21 -8.65
N VAL B 130 -9.47 -23.32 -9.56
CA VAL B 130 -10.39 -22.25 -9.21
C VAL B 130 -11.53 -22.25 -10.22
N GLN B 131 -12.75 -22.52 -9.76
CA GLN B 131 -13.90 -22.54 -10.66
C GLN B 131 -13.65 -23.61 -11.72
N GLY B 132 -13.28 -24.80 -11.26
CA GLY B 132 -13.05 -25.88 -12.19
C GLY B 132 -11.96 -25.61 -13.20
N LYS B 133 -11.14 -24.57 -12.98
CA LYS B 133 -10.04 -24.29 -13.90
C LYS B 133 -8.71 -24.33 -13.15
N ARG B 134 -7.67 -24.81 -13.80
CA ARG B 134 -6.34 -24.86 -13.17
C ARG B 134 -5.70 -23.47 -13.32
N VAL B 135 -5.31 -22.88 -12.20
CA VAL B 135 -4.67 -21.57 -12.22
C VAL B 135 -3.32 -21.62 -12.93
N SER B 136 -3.08 -20.75 -13.90
CA SER B 136 -1.77 -20.69 -14.56
C SER B 136 -1.51 -19.33 -15.20
N SER B 137 -0.26 -19.02 -15.45
CA SER B 137 0.06 -17.73 -16.08
C SER B 137 -0.68 -17.65 -17.43
N SER B 138 -0.72 -18.75 -18.17
CA SER B 138 -1.41 -18.75 -19.45
C SER B 138 -2.86 -18.35 -19.34
N LEU B 139 -3.57 -18.94 -18.38
CA LEU B 139 -4.98 -18.64 -18.16
C LEU B 139 -5.19 -17.14 -17.83
N ILE B 140 -4.35 -16.60 -16.94
CA ILE B 140 -4.44 -15.20 -16.53
C ILE B 140 -4.09 -14.29 -17.71
N ARG B 141 -3.09 -14.65 -18.52
CA ARG B 141 -2.77 -13.80 -19.68
C ARG B 141 -3.98 -13.75 -20.61
N ASN B 142 -4.71 -14.84 -20.62
CA ASN B 142 -5.87 -14.96 -21.45
C ASN B 142 -6.95 -14.02 -20.92
N LEU B 143 -7.19 -14.04 -19.62
CA LEU B 143 -8.19 -13.17 -19.00
C LEU B 143 -7.89 -11.73 -19.35
N VAL B 144 -6.62 -11.35 -19.23
CA VAL B 144 -6.19 -10.00 -19.54
C VAL B 144 -6.50 -9.62 -20.99
N GLN B 145 -6.14 -10.50 -21.92
CA GLN B 145 -6.37 -10.21 -23.33
C GLN B 145 -7.85 -10.10 -23.61
N GLU B 146 -8.67 -10.74 -22.82
CA GLU B 146 -10.11 -10.69 -23.02
C GLU B 146 -10.75 -9.55 -22.19
N GLY B 147 -9.92 -8.86 -21.41
CA GLY B 147 -10.39 -7.74 -20.60
C GLY B 147 -11.21 -8.15 -19.41
N ARG B 148 -11.15 -9.44 -19.07
CA ARG B 148 -11.93 -9.95 -17.96
C ARG B 148 -11.20 -9.74 -16.67
N VAL B 149 -10.84 -8.49 -16.44
CA VAL B 149 -10.10 -8.09 -15.24
C VAL B 149 -10.76 -8.32 -13.91
N GLU B 150 -12.09 -8.36 -13.89
CA GLU B 150 -12.80 -8.58 -12.63
C GLU B 150 -12.66 -10.02 -12.19
N GLU B 151 -12.37 -10.89 -13.13
CA GLU B 151 -12.20 -12.31 -12.86
C GLU B 151 -10.75 -12.69 -12.45
N ILE B 152 -9.78 -11.81 -12.70
CA ILE B 152 -8.39 -12.15 -12.40
C ILE B 152 -8.03 -12.42 -10.94
N PRO B 153 -8.51 -11.60 -9.99
CA PRO B 153 -8.14 -11.87 -8.59
C PRO B 153 -8.34 -13.33 -8.06
N ALA B 154 -9.39 -13.99 -8.51
CA ALA B 154 -9.66 -15.37 -8.10
C ALA B 154 -8.46 -16.28 -8.47
N TYR B 155 -7.72 -15.90 -9.50
CA TYR B 155 -6.57 -16.66 -9.98
C TYR B 155 -5.20 -16.11 -9.61
N LEU B 156 -5.01 -14.80 -9.88
CA LEU B 156 -3.75 -14.11 -9.60
C LEU B 156 -3.62 -13.88 -8.12
N GLY B 157 -4.75 -13.78 -7.43
CA GLY B 157 -4.70 -13.53 -6.00
C GLY B 157 -4.79 -12.03 -5.74
N ARG B 158 -4.86 -11.22 -6.79
CA ARG B 158 -4.95 -9.76 -6.67
C ARG B 158 -5.36 -9.26 -8.05
N TYR B 159 -5.58 -7.96 -8.18
CA TYR B 159 -5.95 -7.43 -9.48
C TYR B 159 -4.70 -7.42 -10.34
N PHE B 160 -4.93 -7.53 -11.65
CA PHE B 160 -3.89 -7.46 -12.66
C PHE B 160 -3.34 -6.04 -12.59
N GLU B 161 -2.03 -5.89 -12.72
CA GLU B 161 -1.42 -4.57 -12.68
C GLU B 161 -0.64 -4.15 -13.91
N ILE B 162 -0.74 -2.86 -14.24
CA ILE B 162 0.01 -2.25 -15.35
C ILE B 162 0.95 -1.29 -14.64
N GLU B 163 2.22 -1.35 -14.98
CA GLU B 163 3.17 -0.48 -14.33
C GLU B 163 4.20 0.03 -15.31
N GLY B 164 4.76 1.19 -15.00
CA GLY B 164 5.75 1.76 -15.89
C GLY B 164 6.09 3.19 -15.55
N ILE B 165 6.87 3.82 -16.42
CA ILE B 165 7.26 5.22 -16.25
C ILE B 165 6.27 6.06 -17.03
N VAL B 166 6.00 7.26 -16.54
CA VAL B 166 5.07 8.12 -17.25
C VAL B 166 5.67 8.88 -18.45
N HIS B 167 4.90 8.90 -19.54
CA HIS B 167 5.16 9.56 -20.84
C HIS B 167 5.91 8.83 -21.94
N LYS B 168 5.37 8.99 -23.14
CA LYS B 168 5.90 8.39 -24.37
C LYS B 168 7.42 8.32 -24.35
N PHE B 178 -8.58 15.72 -20.99
CA PHE B 178 -7.80 16.45 -19.98
C PHE B 178 -6.47 15.71 -19.71
N PRO B 179 -5.55 16.32 -18.92
CA PRO B 179 -4.24 15.74 -18.57
C PRO B 179 -4.24 14.26 -18.18
N THR B 180 -3.60 13.42 -18.98
CA THR B 180 -3.51 11.99 -18.69
C THR B 180 -2.05 11.53 -18.64
N ALA B 181 -1.80 10.39 -18.00
CA ALA B 181 -0.44 9.90 -17.95
C ALA B 181 -0.31 8.70 -18.89
N ASN B 182 0.70 8.78 -19.74
CA ASN B 182 0.99 7.71 -20.68
C ASN B 182 1.94 6.77 -19.91
N ILE B 183 1.64 5.48 -19.89
CA ILE B 183 2.50 4.58 -19.15
C ILE B 183 3.40 3.82 -20.11
N ASP B 184 4.70 3.87 -19.88
CA ASP B 184 5.65 3.11 -20.69
C ASP B 184 5.90 1.88 -19.81
N ARG B 185 5.42 0.73 -20.24
CA ARG B 185 5.59 -0.49 -19.46
C ARG B 185 6.97 -1.11 -19.53
N GLY B 186 7.88 -0.50 -20.30
CA GLY B 186 9.22 -1.05 -20.38
C GLY B 186 9.39 -1.73 -21.72
N ASN B 187 10.47 -2.48 -21.89
CA ASN B 187 10.67 -3.14 -23.17
C ASN B 187 10.48 -4.65 -23.15
N GLU B 188 10.17 -5.22 -22.00
CA GLU B 188 9.97 -6.66 -21.97
C GLU B 188 8.66 -6.93 -22.71
N LYS B 189 8.45 -8.17 -23.11
CA LYS B 189 7.23 -8.53 -23.80
C LYS B 189 6.14 -8.91 -22.77
N LEU B 190 5.19 -7.98 -22.60
CA LEU B 190 4.11 -8.13 -21.64
C LEU B 190 2.73 -8.30 -22.25
N VAL B 191 1.89 -9.11 -21.61
CA VAL B 191 0.56 -9.27 -22.15
C VAL B 191 -0.20 -7.93 -22.16
N ASP B 192 -0.90 -7.66 -23.26
CA ASP B 192 -1.70 -6.44 -23.38
C ASP B 192 -3.15 -6.72 -23.06
N LEU B 193 -3.79 -5.75 -22.41
CA LEU B 193 -5.21 -5.81 -22.05
C LEU B 193 -6.06 -5.68 -23.30
N LYS B 194 -7.29 -6.15 -23.24
CA LYS B 194 -8.18 -5.95 -24.36
C LYS B 194 -8.30 -4.41 -24.52
N ARG B 195 -8.34 -3.93 -25.75
CA ARG B 195 -8.48 -2.49 -26.02
C ARG B 195 -9.76 -1.98 -25.36
N GLY B 196 -9.69 -0.80 -24.75
CA GLY B 196 -10.87 -0.25 -24.13
C GLY B 196 -10.55 0.68 -22.96
N VAL B 197 -11.60 0.92 -22.17
CA VAL B 197 -11.55 1.82 -21.02
C VAL B 197 -11.78 1.05 -19.72
N TYR B 198 -10.83 1.20 -18.80
CA TYR B 198 -10.84 0.49 -17.53
C TYR B 198 -10.88 1.37 -16.30
N LEU B 199 -11.56 0.87 -15.27
CA LEU B 199 -11.56 1.55 -14.00
C LEU B 199 -10.27 1.03 -13.35
N VAL B 200 -9.40 1.92 -12.88
CA VAL B 200 -8.16 1.52 -12.24
C VAL B 200 -7.94 2.26 -10.92
N ARG B 201 -7.08 1.69 -10.08
CA ARG B 201 -6.68 2.29 -8.81
C ARG B 201 -5.22 2.60 -9.08
N VAL B 202 -4.85 3.85 -8.93
CA VAL B 202 -3.51 4.30 -9.21
C VAL B 202 -2.70 4.45 -7.93
N HIS B 203 -1.60 3.72 -7.88
CA HIS B 203 -0.68 3.75 -6.76
C HIS B 203 0.36 4.78 -7.22
N LEU B 204 0.34 5.96 -6.59
CA LEU B 204 1.25 7.05 -6.90
C LEU B 204 2.62 6.95 -6.20
N PRO B 205 3.62 7.69 -6.68
CA PRO B 205 4.99 7.71 -6.14
C PRO B 205 5.09 7.95 -4.63
N ASP B 206 4.71 9.14 -4.20
CA ASP B 206 4.76 9.44 -2.77
C ASP B 206 4.14 8.28 -1.98
N GLY B 207 2.92 7.90 -2.33
CA GLY B 207 2.26 6.82 -1.62
C GLY B 207 0.76 6.97 -1.70
N LYS B 208 0.31 8.02 -2.38
CA LYS B 208 -1.10 8.28 -2.55
C LYS B 208 -1.74 7.26 -3.46
N LYS B 209 -3.00 6.96 -3.16
CA LYS B 209 -3.79 6.05 -3.97
C LYS B 209 -4.95 6.88 -4.52
N LYS B 210 -5.18 6.80 -5.83
CA LYS B 210 -6.25 7.54 -6.46
C LYS B 210 -6.89 6.60 -7.43
N PHE B 211 -8.14 6.84 -7.78
CA PHE B 211 -8.81 6.04 -8.77
C PHE B 211 -8.53 6.72 -10.08
N GLY B 212 -8.61 5.96 -11.18
CA GLY B 212 -8.33 6.54 -12.47
C GLY B 212 -9.10 5.86 -13.56
N VAL B 213 -9.07 6.44 -14.75
CA VAL B 213 -9.77 5.83 -15.88
C VAL B 213 -8.69 5.65 -16.93
N MET B 214 -8.36 4.39 -17.21
CA MET B 214 -7.34 4.07 -18.18
C MET B 214 -7.88 3.62 -19.54
N ASN B 215 -7.27 4.16 -20.59
CA ASN B 215 -7.64 3.75 -21.92
C ASN B 215 -6.53 2.90 -22.48
N VAL B 216 -6.92 1.82 -23.14
CA VAL B 216 -6.00 0.90 -23.78
C VAL B 216 -6.44 0.93 -25.24
N GLY B 217 -5.56 1.34 -26.15
CA GLY B 217 -5.95 1.37 -27.55
C GLY B 217 -4.75 1.50 -28.48
N PHE B 218 -5.00 1.76 -29.78
CA PHE B 218 -3.93 1.94 -30.78
C PHE B 218 -3.60 0.58 -31.39
N ASN B 227 2.12 -0.29 -31.40
CA ASN B 227 1.86 -1.08 -30.21
C ASN B 227 0.75 -0.47 -29.35
N VAL B 228 0.38 -1.16 -28.27
CA VAL B 228 -0.69 -0.70 -27.39
C VAL B 228 -0.24 0.39 -26.42
N LYS B 229 -1.00 1.48 -26.41
CA LYS B 229 -0.67 2.57 -25.51
C LYS B 229 -1.58 2.54 -24.29
N TYR B 230 -1.03 2.86 -23.13
CA TYR B 230 -1.81 2.87 -21.91
C TYR B 230 -1.79 4.29 -21.40
N GLU B 231 -2.96 4.91 -21.32
CA GLU B 231 -3.09 6.30 -20.85
C GLU B 231 -4.07 6.37 -19.70
N VAL B 232 -3.65 6.92 -18.57
CA VAL B 232 -4.59 7.01 -17.49
C VAL B 232 -4.98 8.43 -17.15
N TYR B 233 -6.26 8.65 -16.89
CA TYR B 233 -6.77 9.96 -16.47
C TYR B 233 -6.95 9.79 -14.97
N ILE B 234 -6.07 10.39 -14.19
CA ILE B 234 -6.23 10.24 -12.75
C ILE B 234 -7.30 11.19 -12.22
N LEU B 235 -8.21 10.65 -11.41
CA LEU B 235 -9.30 11.42 -10.81
C LEU B 235 -8.84 12.19 -9.60
N ASP B 236 -9.30 13.44 -9.49
CA ASP B 236 -8.98 14.30 -8.35
C ASP B 236 -7.49 14.35 -8.08
N PHE B 237 -6.72 14.72 -9.08
CA PHE B 237 -5.27 14.77 -8.93
C PHE B 237 -4.61 15.86 -9.78
N GLU B 238 -3.67 16.57 -9.16
CA GLU B 238 -2.92 17.60 -9.86
C GLU B 238 -1.44 17.30 -9.65
N GLY B 239 -0.69 17.32 -10.73
CA GLY B 239 0.72 17.04 -10.59
C GLY B 239 1.36 16.49 -11.84
N ASP B 240 2.62 16.82 -12.03
CA ASP B 240 3.36 16.33 -13.19
C ASP B 240 3.96 15.02 -12.70
N LEU B 241 3.72 13.96 -13.44
CA LEU B 241 4.24 12.63 -13.09
C LEU B 241 5.32 12.15 -14.07
N TYR B 242 5.72 13.04 -14.99
CA TYR B 242 6.74 12.72 -15.98
C TYR B 242 8.00 12.13 -15.35
N GLY B 243 8.39 10.97 -15.83
CA GLY B 243 9.57 10.33 -15.31
C GLY B 243 9.34 9.53 -14.06
N GLN B 244 8.11 9.47 -13.58
CA GLN B 244 7.83 8.71 -12.36
C GLN B 244 7.11 7.40 -12.59
N ARG B 245 7.28 6.48 -11.66
CA ARG B 245 6.64 5.18 -11.76
C ARG B 245 5.22 5.17 -11.20
N LEU B 246 4.32 4.53 -11.92
CA LEU B 246 2.96 4.39 -11.48
C LEU B 246 2.66 2.90 -11.55
N LYS B 247 1.85 2.42 -10.60
CA LYS B 247 1.41 1.03 -10.55
C LYS B 247 -0.10 1.14 -10.54
N LEU B 248 -0.76 0.60 -11.57
CA LEU B 248 -2.21 0.66 -11.66
C LEU B 248 -2.90 -0.73 -11.57
N GLU B 249 -3.80 -0.89 -10.60
CA GLU B 249 -4.56 -2.13 -10.48
C GLU B 249 -5.73 -1.95 -11.47
N VAL B 250 -5.98 -2.95 -12.29
CA VAL B 250 -7.04 -2.81 -13.27
C VAL B 250 -8.23 -3.45 -12.65
N LEU B 251 -9.23 -2.64 -12.30
CA LEU B 251 -10.40 -3.13 -11.59
C LEU B 251 -11.59 -3.63 -12.40
N LYS B 252 -12.02 -2.88 -13.41
CA LYS B 252 -13.20 -3.29 -14.17
C LYS B 252 -13.19 -2.80 -15.57
N PHE B 253 -13.67 -3.63 -16.49
CA PHE B 253 -13.77 -3.25 -17.89
C PHE B 253 -15.03 -2.37 -17.98
N MET B 254 -14.88 -1.15 -18.49
CA MET B 254 -16.01 -0.22 -18.60
C MET B 254 -16.64 -0.23 -19.98
N ARG B 255 -15.83 0.02 -21.00
CA ARG B 255 -16.38 0.03 -22.35
C ARG B 255 -15.28 -0.24 -23.37
N ASP B 256 -15.71 -0.70 -24.54
CA ASP B 256 -14.84 -0.99 -25.66
C ASP B 256 -14.33 0.31 -26.19
N GLU B 257 -13.25 0.21 -26.97
CA GLU B 257 -12.61 1.34 -27.61
C GLU B 257 -13.57 1.74 -28.71
N LYS B 258 -13.69 3.02 -29.01
CA LYS B 258 -14.59 3.43 -30.09
C LYS B 258 -13.97 4.47 -31.01
N LYS B 259 -14.24 4.34 -32.30
CA LYS B 259 -13.73 5.29 -33.28
C LYS B 259 -14.70 6.44 -33.36
N PHE B 260 -14.30 7.60 -32.84
CA PHE B 260 -15.14 8.79 -32.88
C PHE B 260 -14.71 9.63 -34.09
N ASP B 261 -15.69 10.02 -34.89
CA ASP B 261 -15.43 10.84 -36.07
C ASP B 261 -15.54 12.31 -35.72
N SER B 262 -15.33 12.61 -34.44
CA SER B 262 -15.41 13.98 -33.93
C SER B 262 -14.58 14.14 -32.66
N ILE B 263 -13.86 15.24 -32.59
CA ILE B 263 -13.02 15.55 -31.43
C ILE B 263 -13.89 15.83 -30.20
N GLU B 264 -15.12 16.28 -30.43
CA GLU B 264 -16.01 16.58 -29.32
C GLU B 264 -16.71 15.34 -28.80
N GLU B 265 -16.95 14.37 -29.67
CA GLU B 265 -17.61 13.13 -29.26
C GLU B 265 -16.69 12.37 -28.28
N LEU B 266 -15.39 12.43 -28.55
CA LEU B 266 -14.38 11.78 -27.70
C LEU B 266 -14.38 12.41 -26.31
N LYS B 267 -14.25 13.73 -26.26
CA LYS B 267 -14.24 14.46 -25.00
C LYS B 267 -15.53 14.12 -24.23
N ALA B 268 -16.63 14.03 -24.97
CA ALA B 268 -17.93 13.73 -24.38
C ALA B 268 -17.89 12.34 -23.76
N ALA B 269 -17.25 11.41 -24.46
CA ALA B 269 -17.17 10.03 -23.99
C ALA B 269 -16.28 9.98 -22.76
N ILE B 270 -15.16 10.68 -22.78
CA ILE B 270 -14.27 10.66 -21.64
C ILE B 270 -14.94 11.23 -20.39
N ASP B 271 -15.71 12.29 -20.57
CA ASP B 271 -16.42 12.94 -19.47
C ASP B 271 -17.39 11.92 -18.88
N GLN B 272 -18.08 11.23 -19.77
CA GLN B 272 -19.02 10.20 -19.36
C GLN B 272 -18.31 9.04 -18.62
N ASP B 273 -17.08 8.72 -19.04
CA ASP B 273 -16.30 7.64 -18.41
C ASP B 273 -15.97 8.02 -16.97
N VAL B 274 -15.44 9.22 -16.78
CA VAL B 274 -15.08 9.68 -15.44
C VAL B 274 -16.32 9.67 -14.53
N LYS B 275 -17.45 10.02 -15.13
CA LYS B 275 -18.74 10.06 -14.46
C LYS B 275 -19.09 8.65 -14.06
N SER B 276 -19.04 7.73 -15.02
CA SER B 276 -19.34 6.34 -14.72
C SER B 276 -18.37 5.80 -13.66
N ALA B 277 -17.10 6.20 -13.75
CA ALA B 277 -16.11 5.73 -12.79
C ALA B 277 -16.49 6.16 -11.39
N ARG B 278 -16.87 7.43 -11.23
CA ARG B 278 -17.26 7.92 -9.90
C ARG B 278 -18.42 7.12 -9.30
N ASN B 279 -19.37 6.70 -10.13
CA ASN B 279 -20.46 5.92 -9.57
C ASN B 279 -20.00 4.50 -9.20
N MET B 280 -19.18 3.90 -10.03
CA MET B 280 -18.70 2.57 -9.72
C MET B 280 -17.87 2.64 -8.43
N ILE B 281 -17.06 3.69 -8.29
CA ILE B 281 -16.26 3.84 -7.09
C ILE B 281 -17.21 3.91 -5.90
N ASP B 282 -18.25 4.72 -6.04
CA ASP B 282 -19.21 4.83 -4.96
C ASP B 282 -19.77 3.43 -4.59
N ASP B 283 -20.15 2.67 -5.60
CA ASP B 283 -20.67 1.31 -5.44
C ASP B 283 -19.68 0.43 -4.71
N ILE B 284 -18.41 0.50 -5.13
CA ILE B 284 -17.39 -0.32 -4.49
C ILE B 284 -17.28 -0.03 -2.99
N ILE B 285 -17.33 1.25 -2.64
CA ILE B 285 -17.20 1.62 -1.24
C ILE B 285 -18.46 1.22 -0.45
N ASN B 286 -19.63 1.43 -1.01
CA ASN B 286 -20.84 1.09 -0.28
C ASN B 286 -21.06 -0.43 -0.16
N SER B 287 -20.44 -1.18 -1.06
CA SER B 287 -20.56 -2.63 -1.02
C SER B 287 -19.74 -3.16 0.15
N LYS B 288 -19.05 -2.27 0.86
CA LYS B 288 -18.24 -2.70 1.98
C LYS B 288 -19.02 -2.77 3.30
N PHE B 289 -20.23 -2.23 3.33
CA PHE B 289 -21.02 -2.30 4.56
C PHE B 289 -22.51 -2.37 4.31
MG MG C . -21.40 34.60 -1.45
N1 LUM D . 9.94 -10.66 20.19
C2 LUM D . 10.29 -11.35 19.04
C10 LUM D . 10.56 -9.50 20.59
O2 LUM D . 9.67 -12.36 18.81
N3 LUM D . 11.29 -10.81 18.31
C4 LUM D . 12.04 -9.66 18.54
O4 LUM D . 12.92 -9.29 17.78
C4A LUM D . 11.63 -8.94 19.81
N5 LUM D . 12.25 -7.85 20.14
C5A LUM D . 11.87 -7.19 21.33
C6 LUM D . 12.61 -5.98 21.65
C9A LUM D . 10.82 -7.69 22.15
C7 LUM D . 12.22 -5.34 22.81
C7M LUM D . 12.88 -4.05 23.28
C8 LUM D . 11.12 -5.89 23.63
C8M LUM D . 10.72 -5.11 24.93
C9 LUM D . 10.40 -7.04 23.37
N10 LUM D . 10.17 -8.89 21.72
N1 LUM E . -9.46 7.20 -28.04
C2 LUM E . -10.15 6.57 -29.08
C10 LUM E . -9.84 7.13 -26.73
O2 LUM E . -9.70 6.71 -30.20
N3 LUM E . -11.26 5.85 -28.71
C4 LUM E . -11.80 5.66 -27.44
O4 LUM E . -12.82 4.98 -27.26
C4A LUM E . -11.02 6.38 -26.35
N5 LUM E . -11.44 6.29 -25.11
C5A LUM E . -10.70 6.95 -24.11
C6 LUM E . -11.23 6.81 -22.79
C9A LUM E . -9.52 7.71 -24.39
C7 LUM E . -10.55 7.45 -21.80
C7M LUM E . -11.00 7.39 -20.33
C8 LUM E . -9.34 8.22 -22.09
C8M LUM E . -8.61 8.91 -20.90
C9 LUM E . -8.76 8.39 -23.36
N10 LUM E . -9.10 7.79 -25.79
#